data_5JMX
#
_entry.id   5JMX
#
_cell.length_a   53.250
_cell.length_b   61.240
_cell.length_c   69.050
_cell.angle_alpha   90.000
_cell.angle_beta   93.090
_cell.angle_gamma   90.000
#
_symmetry.space_group_name_H-M   'C 1 2 1'
#
loop_
_entity.id
_entity.type
_entity.pdbx_description
1 polymer 'Metallo-beta-lactamase type 2'
2 non-polymer 'ZINC ION'
3 non-polymer 'SULFATE ION'
4 non-polymer '(2Z)-3-(4-fluorophenyl)-2-sulfanylprop-2-enoic acid'
5 non-polymer GLYCEROL
6 water water
#
_entity_poly.entity_id   1
_entity_poly.type   'polypeptide(L)'
_entity_poly.pdbx_seq_one_letter_code
;SQKVEKTVIKNETGTISISQLNKNVWVHTELGSFNGEAVPSNGLVLNTSKGLVLVDSSWDDKLTKELIEMVEKKFQKRVT
DVIITHAHADRIGGIKTLKERGIKAHSTALTAELAKKNGYEEPLGDLQTVTNLKFGNMKVETFYPGKGHTEDNIVVWLPQ
YNILVGGCLVKSTSAKDLGNVADAYVNEWSTSIENVLKRYRNINAVVPGHGEVGDKGLLLHTLDLLK
;
_entity_poly.pdbx_strand_id   A
#
# COMPACT_ATOMS: atom_id res chain seq x y z
N LYS A 6 17.27 12.68 3.00
CA LYS A 6 15.88 12.25 3.01
C LYS A 6 14.90 13.42 3.05
N THR A 7 14.44 13.85 1.88
CA THR A 7 13.54 14.99 1.76
C THR A 7 12.14 14.64 2.27
N VAL A 8 11.67 15.38 3.28
CA VAL A 8 10.35 15.19 3.86
C VAL A 8 9.58 16.49 3.72
N ILE A 9 8.31 16.38 3.36
CA ILE A 9 7.42 17.53 3.19
C ILE A 9 6.12 17.23 3.92
N LYS A 10 5.66 18.16 4.73
CA LYS A 10 4.48 17.95 5.57
C LYS A 10 3.38 18.94 5.22
N ASN A 11 2.14 18.55 5.49
CA ASN A 11 1.03 19.50 5.38
C ASN A 11 1.12 20.52 6.51
N GLU A 12 0.24 21.54 6.43
CA GLU A 12 0.27 22.62 7.43
C GLU A 12 -0.09 22.12 8.83
N THR A 13 -0.76 20.97 8.94
CA THR A 13 -1.19 20.45 10.23
C THR A 13 -0.29 19.36 10.76
N GLY A 14 0.59 18.81 9.94
CA GLY A 14 1.46 17.72 10.37
C GLY A 14 0.84 16.35 10.31
N THR A 15 -0.42 16.22 9.89
CA THR A 15 -1.09 14.92 9.79
C THR A 15 -0.78 14.18 8.49
N ILE A 16 -0.14 14.84 7.52
CA ILE A 16 0.23 14.22 6.26
C ILE A 16 1.67 14.61 5.92
N SER A 17 2.47 13.61 5.55
CA SER A 17 3.87 13.81 5.21
C SER A 17 4.18 12.97 3.98
N ILE A 18 5.07 13.46 3.12
CA ILE A 18 5.61 12.69 2.01
C ILE A 18 7.14 12.72 2.08
N SER A 19 7.75 11.55 1.92
CA SER A 19 9.19 11.38 2.05
CA SER A 19 9.19 11.38 2.05
C SER A 19 9.72 10.74 0.78
N GLN A 20 10.79 11.32 0.22
CA GLN A 20 11.30 10.86 -1.06
C GLN A 20 12.19 9.64 -0.88
N LEU A 21 11.89 8.56 -1.63
CA LEU A 21 12.78 7.40 -1.76
C LEU A 21 13.70 7.54 -2.97
N ASN A 22 13.19 8.01 -4.10
CA ASN A 22 14.03 8.34 -5.23
C ASN A 22 13.33 9.40 -6.05
N LYS A 23 13.88 9.69 -7.24
CA LYS A 23 13.44 10.83 -8.02
C LYS A 23 11.93 10.83 -8.21
N ASN A 24 11.34 9.66 -8.40
CA ASN A 24 9.93 9.55 -8.79
C ASN A 24 9.10 8.76 -7.79
N VAL A 25 9.66 8.38 -6.65
CA VAL A 25 8.95 7.53 -5.71
C VAL A 25 9.01 8.17 -4.33
N TRP A 26 7.84 8.43 -3.75
CA TRP A 26 7.75 8.99 -2.42
C TRP A 26 6.84 8.10 -1.59
N VAL A 27 7.07 8.08 -0.28
CA VAL A 27 6.18 7.43 0.65
C VAL A 27 5.24 8.50 1.19
N HIS A 28 3.94 8.23 1.21
CA HIS A 28 3.00 9.09 1.92
C HIS A 28 2.62 8.47 3.25
N THR A 29 2.56 9.29 4.30
CA THR A 29 2.21 8.82 5.62
C THR A 29 1.17 9.77 6.22
N GLU A 30 0.08 9.20 6.73
CA GLU A 30 -0.98 9.99 7.35
C GLU A 30 -1.30 9.47 8.74
N LEU A 31 -1.65 10.40 9.65
CA LEU A 31 -2.02 10.05 11.02
C LEU A 31 -3.53 9.97 11.12
N GLY A 32 -4.03 8.79 11.50
CA GLY A 32 -5.46 8.60 11.72
C GLY A 32 -5.79 8.43 13.19
N ALA A 38 -2.98 8.43 18.05
CA ALA A 38 -2.43 8.64 16.72
C ALA A 38 -1.89 7.34 16.15
N VAL A 39 -2.21 7.07 14.89
CA VAL A 39 -1.78 5.84 14.22
C VAL A 39 -1.33 6.19 12.81
N PRO A 40 -0.05 6.10 12.48
CA PRO A 40 0.38 6.41 11.12
C PRO A 40 0.18 5.23 10.20
N SER A 41 -0.03 5.56 8.94
CA SER A 41 -0.20 4.58 7.88
C SER A 41 0.57 5.04 6.66
N ASN A 42 1.18 4.13 5.90
CA ASN A 42 1.95 4.48 4.73
C ASN A 42 1.35 3.98 3.42
N GLY A 43 1.57 4.78 2.38
CA GLY A 43 1.40 4.35 1.00
C GLY A 43 2.51 4.89 0.12
N LEU A 44 2.37 4.79 -1.21
CA LEU A 44 3.38 5.37 -2.10
C LEU A 44 2.75 6.39 -3.02
N VAL A 45 3.58 7.30 -3.46
CA VAL A 45 3.25 8.24 -4.52
C VAL A 45 4.23 8.00 -5.64
N LEU A 46 3.73 7.69 -6.83
CA LEU A 46 4.58 7.49 -8.01
C LEU A 46 4.37 8.66 -8.95
N ASN A 47 5.46 9.39 -9.20
CA ASN A 47 5.42 10.54 -10.11
C ASN A 47 5.79 10.03 -11.49
N THR A 48 4.78 9.84 -12.35
CA THR A 48 4.98 9.31 -13.69
C THR A 48 4.68 10.36 -14.74
N SER A 49 5.14 10.09 -15.96
CA SER A 49 4.95 11.04 -17.04
C SER A 49 3.49 11.19 -17.42
N LYS A 50 2.61 10.30 -16.96
CA LYS A 50 1.20 10.33 -17.31
C LYS A 50 0.31 10.72 -16.15
N GLY A 51 0.88 11.08 -15.02
CA GLY A 51 0.11 11.44 -13.86
C GLY A 51 0.67 10.82 -12.59
N LEU A 52 0.07 11.14 -11.46
CA LEU A 52 0.46 10.53 -10.21
C LEU A 52 -0.36 9.26 -9.98
N VAL A 53 0.34 8.24 -9.51
CA VAL A 53 -0.29 6.99 -9.12
C VAL A 53 0.01 6.77 -7.65
N LEU A 54 -1.04 6.54 -6.87
CA LEU A 54 -0.83 6.21 -5.46
C LEU A 54 -0.96 4.72 -5.23
N VAL A 55 -0.16 4.22 -4.31
CA VAL A 55 -0.44 2.95 -3.66
C VAL A 55 -1.08 3.27 -2.31
N ASP A 56 -2.32 2.89 -2.20
CA ASP A 56 -3.20 3.12 -1.06
C ASP A 56 -3.68 4.57 -0.90
N SER A 57 -4.90 4.70 -0.39
CA SER A 57 -5.48 6.00 -0.06
C SER A 57 -5.14 6.26 1.40
N SER A 58 -6.12 6.61 2.21
CA SER A 58 -5.86 6.89 3.61
C SER A 58 -7.11 6.59 4.41
N TRP A 59 -7.02 6.88 5.71
CA TRP A 59 -8.00 6.40 6.68
C TRP A 59 -9.41 6.86 6.37
N ASP A 60 -9.58 8.05 5.79
CA ASP A 60 -10.92 8.56 5.57
C ASP A 60 -10.86 9.50 4.38
N ASP A 61 -12.02 10.05 4.04
CA ASP A 61 -12.07 10.89 2.87
C ASP A 61 -11.38 12.24 3.10
N LYS A 62 -11.51 12.81 4.29
CA LYS A 62 -10.83 14.08 4.58
C LYS A 62 -9.32 14.00 4.34
N LEU A 63 -8.68 12.94 4.86
CA LEU A 63 -7.24 12.79 4.69
C LEU A 63 -6.89 12.48 3.24
N THR A 64 -7.73 11.70 2.57
CA THR A 64 -7.47 11.38 1.16
C THR A 64 -7.53 12.63 0.29
N LYS A 65 -8.52 13.49 0.54
CA LYS A 65 -8.61 14.73 -0.22
C LYS A 65 -7.38 15.58 -0.01
N GLU A 66 -6.95 15.72 1.25
CA GLU A 66 -5.77 16.53 1.58
CA GLU A 66 -5.79 16.53 1.56
C GLU A 66 -4.52 15.95 0.93
N LEU A 67 -4.38 14.63 0.96
CA LEU A 67 -3.22 13.99 0.35
C LEU A 67 -3.20 14.24 -1.16
N ILE A 68 -4.32 14.03 -1.82
CA ILE A 68 -4.38 14.27 -3.26
C ILE A 68 -4.03 15.72 -3.57
N GLU A 69 -4.60 16.65 -2.81
CA GLU A 69 -4.39 18.07 -3.09
C GLU A 69 -2.93 18.46 -2.87
N MET A 70 -2.28 17.85 -1.88
CA MET A 70 -0.88 18.16 -1.63
C MET A 70 0.00 17.69 -2.78
N VAL A 71 -0.21 16.46 -3.24
CA VAL A 71 0.68 15.91 -4.26
C VAL A 71 0.38 16.51 -5.63
N GLU A 72 -0.88 16.80 -5.93
CA GLU A 72 -1.18 17.43 -7.22
C GLU A 72 -0.53 18.80 -7.31
N LYS A 73 -0.56 19.55 -6.21
CA LYS A 73 0.06 20.86 -6.20
C LYS A 73 1.56 20.77 -6.32
N LYS A 74 2.18 19.86 -5.57
CA LYS A 74 3.64 19.75 -5.59
C LYS A 74 4.16 19.27 -6.93
N PHE A 75 3.59 18.17 -7.45
CA PHE A 75 4.10 17.54 -8.66
C PHE A 75 3.49 18.10 -9.94
N GLN A 76 2.47 18.93 -9.82
CA GLN A 76 1.88 19.65 -10.96
C GLN A 76 1.36 18.68 -12.01
N LYS A 77 0.64 17.67 -11.52
CA LYS A 77 -0.06 16.73 -12.38
C LYS A 77 -1.18 16.12 -11.56
N ARG A 78 -2.08 15.41 -12.24
CA ARG A 78 -3.23 14.87 -11.54
C ARG A 78 -2.94 13.47 -11.01
N VAL A 79 -3.61 13.13 -9.91
CA VAL A 79 -3.70 11.73 -9.49
C VAL A 79 -4.67 11.02 -10.41
N THR A 80 -4.18 9.99 -11.11
CA THR A 80 -5.01 9.28 -12.07
C THR A 80 -5.46 7.92 -11.60
N ASP A 81 -4.70 7.28 -10.72
CA ASP A 81 -4.91 5.88 -10.37
C ASP A 81 -4.43 5.68 -8.95
N VAL A 82 -5.09 4.75 -8.27
CA VAL A 82 -4.69 4.30 -6.94
C VAL A 82 -4.81 2.80 -6.92
N ILE A 83 -3.84 2.14 -6.31
CA ILE A 83 -3.88 0.69 -6.09
C ILE A 83 -4.22 0.47 -4.62
N ILE A 84 -5.33 -0.24 -4.39
CA ILE A 84 -5.83 -0.55 -3.04
C ILE A 84 -5.33 -1.93 -2.66
N THR A 85 -4.57 -2.06 -1.56
CA THR A 85 -3.88 -3.31 -1.24
C THR A 85 -4.67 -4.23 -0.32
N HIS A 86 -5.67 -3.73 0.42
CA HIS A 86 -6.67 -4.57 1.07
C HIS A 86 -7.83 -3.68 1.49
N ALA A 87 -8.89 -4.31 1.97
CA ALA A 87 -10.13 -3.59 2.22
C ALA A 87 -10.32 -3.14 3.67
N HIS A 88 -9.28 -2.70 4.37
CA HIS A 88 -9.44 -2.04 5.65
C HIS A 88 -9.35 -0.52 5.45
N ALA A 89 -9.80 0.24 6.46
CA ALA A 89 -9.99 1.67 6.30
C ALA A 89 -8.70 2.41 6.02
N ASP A 90 -7.58 1.97 6.60
CA ASP A 90 -6.33 2.67 6.32
C ASP A 90 -5.95 2.61 4.84
N ARG A 91 -6.43 1.62 4.11
CA ARG A 91 -6.12 1.47 2.69
C ARG A 91 -7.21 2.08 1.82
N ILE A 92 -8.46 1.89 2.20
CA ILE A 92 -9.59 2.11 1.30
C ILE A 92 -10.53 3.18 1.79
N GLY A 93 -10.25 3.81 2.93
CA GLY A 93 -11.18 4.74 3.55
C GLY A 93 -11.50 5.94 2.69
N GLY A 94 -10.65 6.28 1.74
CA GLY A 94 -10.92 7.38 0.84
C GLY A 94 -11.52 6.99 -0.49
N ILE A 95 -12.10 5.81 -0.62
CA ILE A 95 -12.57 5.33 -1.91
C ILE A 95 -13.68 6.24 -2.49
N LYS A 96 -14.57 6.76 -1.65
CA LYS A 96 -15.62 7.67 -2.11
C LYS A 96 -15.01 8.86 -2.81
N THR A 97 -13.95 9.42 -2.23
CA THR A 97 -13.25 10.55 -2.85
C THR A 97 -12.65 10.16 -4.19
N LEU A 98 -12.00 9.00 -4.28
CA LEU A 98 -11.43 8.58 -5.56
C LEU A 98 -12.50 8.47 -6.63
N LYS A 99 -13.60 7.77 -6.31
CA LYS A 99 -14.62 7.53 -7.33
C LYS A 99 -15.26 8.83 -7.79
N GLU A 100 -15.54 9.75 -6.86
CA GLU A 100 -16.22 10.94 -7.30
C GLU A 100 -15.31 11.87 -8.11
N ARG A 101 -13.99 11.73 -7.96
CA ARG A 101 -13.03 12.53 -8.72
C ARG A 101 -12.58 11.86 -10.01
N GLY A 102 -13.07 10.66 -10.31
CA GLY A 102 -12.68 9.99 -11.52
C GLY A 102 -11.29 9.41 -11.47
N ILE A 103 -10.81 9.13 -10.28
CA ILE A 103 -9.54 8.45 -10.06
C ILE A 103 -9.80 6.96 -10.09
N LYS A 104 -9.06 6.23 -10.90
CA LYS A 104 -9.29 4.79 -11.01
C LYS A 104 -8.74 4.07 -9.78
N ALA A 105 -9.56 3.27 -9.13
CA ALA A 105 -9.19 2.55 -7.90
C ALA A 105 -9.04 1.09 -8.24
N HIS A 106 -7.79 0.65 -8.39
CA HIS A 106 -7.50 -0.72 -8.79
C HIS A 106 -7.46 -1.61 -7.58
N SER A 107 -7.97 -2.82 -7.76
CA SER A 107 -7.93 -3.81 -6.69
C SER A 107 -8.12 -5.18 -7.30
N THR A 108 -7.86 -6.20 -6.46
CA THR A 108 -8.34 -7.51 -6.86
C THR A 108 -9.87 -7.61 -6.70
N ALA A 109 -10.43 -8.62 -7.31
CA ALA A 109 -11.86 -8.85 -7.19
C ALA A 109 -12.24 -9.17 -5.75
N LEU A 110 -11.38 -9.91 -5.05
CA LEU A 110 -11.67 -10.24 -3.67
C LEU A 110 -11.71 -8.98 -2.81
N THR A 111 -10.73 -8.09 -3.00
CA THR A 111 -10.75 -6.83 -2.26
C THR A 111 -12.01 -6.04 -2.55
N ALA A 112 -12.43 -5.99 -3.82
CA ALA A 112 -13.68 -5.29 -4.14
C ALA A 112 -14.88 -5.93 -3.48
N GLU A 113 -14.92 -7.26 -3.44
CA GLU A 113 -16.04 -7.96 -2.82
CA GLU A 113 -16.05 -7.95 -2.82
C GLU A 113 -16.08 -7.66 -1.32
N LEU A 114 -14.92 -7.66 -0.70
CA LEU A 114 -14.85 -7.38 0.72
C LEU A 114 -15.19 -5.93 1.01
N ALA A 115 -14.76 -5.00 0.15
CA ALA A 115 -15.14 -3.62 0.31
C ALA A 115 -16.64 -3.47 0.33
N LYS A 116 -17.31 -4.11 -0.64
CA LYS A 116 -18.78 -4.00 -0.75
C LYS A 116 -19.45 -4.59 0.45
N LYS A 117 -18.94 -5.73 0.92
CA LYS A 117 -19.52 -6.34 2.09
C LYS A 117 -19.40 -5.44 3.30
N ASN A 118 -18.32 -4.67 3.40
CA ASN A 118 -18.08 -3.81 4.53
C ASN A 118 -18.64 -2.40 4.34
N GLY A 119 -19.39 -2.17 3.27
CA GLY A 119 -20.12 -0.92 3.14
C GLY A 119 -19.37 0.18 2.44
N TYR A 120 -18.21 -0.11 1.89
CA TYR A 120 -17.43 0.86 1.13
C TYR A 120 -17.82 0.77 -0.35
N GLU A 121 -17.68 1.90 -1.05
CA GLU A 121 -17.82 1.87 -2.49
C GLU A 121 -16.74 0.97 -3.08
N GLU A 122 -17.06 0.39 -4.22
CA GLU A 122 -16.27 -0.71 -4.75
C GLU A 122 -15.14 -0.21 -5.64
N PRO A 123 -13.91 -0.68 -5.41
CA PRO A 123 -12.86 -0.51 -6.41
C PRO A 123 -13.07 -1.44 -7.61
N LEU A 124 -12.14 -1.38 -8.56
CA LEU A 124 -12.39 -1.96 -9.88
C LEU A 124 -12.41 -3.48 -9.91
N GLY A 125 -11.69 -4.14 -9.01
CA GLY A 125 -11.64 -5.59 -9.07
C GLY A 125 -10.93 -6.12 -10.29
N ASP A 126 -9.99 -5.34 -10.84
CA ASP A 126 -9.33 -5.66 -12.09
C ASP A 126 -8.01 -6.41 -11.96
N LEU A 127 -7.41 -6.45 -10.77
CA LEU A 127 -6.09 -7.04 -10.58
C LEU A 127 -6.23 -8.54 -10.39
N GLN A 128 -5.34 -9.28 -11.04
CA GLN A 128 -5.28 -10.73 -10.95
C GLN A 128 -4.25 -11.10 -9.91
N THR A 129 -3.84 -12.36 -9.88
CA THR A 129 -2.85 -12.73 -8.90
C THR A 129 -1.52 -12.05 -9.18
N VAL A 130 -1.13 -11.99 -10.46
CA VAL A 130 -0.03 -11.17 -10.89
C VAL A 130 -0.59 -10.22 -11.96
N THR A 131 -0.38 -8.92 -11.76
CA THR A 131 -0.76 -7.94 -12.77
C THR A 131 0.39 -6.99 -12.99
N ASN A 132 0.70 -6.74 -14.27
CA ASN A 132 1.75 -5.82 -14.66
C ASN A 132 1.12 -4.59 -15.30
N LEU A 133 1.29 -3.45 -14.65
CA LEU A 133 0.80 -2.17 -15.12
C LEU A 133 1.98 -1.30 -15.52
N LYS A 134 1.71 -0.30 -16.36
CA LYS A 134 2.74 0.65 -16.75
C LYS A 134 2.05 1.99 -16.88
N PHE A 135 2.52 2.96 -16.12
CA PHE A 135 1.99 4.32 -16.13
C PHE A 135 3.10 5.23 -16.64
N GLY A 136 2.98 5.66 -17.90
CA GLY A 136 4.08 6.35 -18.52
C GLY A 136 5.23 5.38 -18.61
N ASN A 137 6.38 5.77 -18.06
CA ASN A 137 7.54 4.89 -18.02
C ASN A 137 7.64 4.11 -16.71
N MET A 138 6.68 4.26 -15.79
CA MET A 138 6.77 3.61 -14.48
C MET A 138 6.12 2.23 -14.53
N LYS A 139 6.90 1.19 -14.25
CA LYS A 139 6.39 -0.16 -14.22
C LYS A 139 5.96 -0.53 -12.82
N VAL A 140 4.78 -1.15 -12.72
CA VAL A 140 4.21 -1.52 -11.45
C VAL A 140 3.70 -2.95 -11.57
N GLU A 141 4.11 -3.82 -10.66
CA GLU A 141 3.59 -5.17 -10.59
C GLU A 141 2.83 -5.35 -9.27
N THR A 142 1.64 -5.92 -9.35
CA THR A 142 0.89 -6.28 -8.15
C THR A 142 0.90 -7.79 -8.04
N PHE A 143 0.98 -8.27 -6.79
CA PHE A 143 1.11 -9.70 -6.54
C PHE A 143 0.27 -10.05 -5.34
N TYR A 144 -0.58 -11.07 -5.51
CA TYR A 144 -1.31 -11.63 -4.37
C TYR A 144 -0.54 -12.84 -3.88
N PRO A 145 0.08 -12.79 -2.70
CA PRO A 145 0.93 -13.88 -2.25
C PRO A 145 0.21 -14.94 -1.43
N GLY A 146 -1.05 -14.70 -1.13
CA GLY A 146 -1.81 -15.53 -0.23
C GLY A 146 -2.29 -14.74 0.97
N LYS A 147 -3.03 -15.44 1.83
CA LYS A 147 -3.65 -14.79 2.97
C LYS A 147 -2.61 -14.49 4.04
N GLY A 148 -2.85 -13.43 4.78
CA GLY A 148 -1.94 -13.03 5.83
C GLY A 148 -2.57 -12.13 6.84
N HIS A 149 -2.21 -10.85 6.77
CA HIS A 149 -2.86 -9.84 7.59
C HIS A 149 -4.35 -9.82 7.33
N THR A 150 -4.74 -9.98 6.06
CA THR A 150 -6.11 -10.22 5.69
C THR A 150 -6.15 -11.28 4.61
N GLU A 151 -7.36 -11.69 4.26
CA GLU A 151 -7.55 -12.69 3.23
CA GLU A 151 -7.49 -12.71 3.23
C GLU A 151 -7.08 -12.21 1.87
N ASP A 152 -7.17 -10.91 1.64
CA ASP A 152 -7.01 -10.32 0.31
C ASP A 152 -5.73 -9.53 0.11
N ASN A 153 -4.91 -9.37 1.11
CA ASN A 153 -3.79 -8.44 1.00
C ASN A 153 -2.91 -8.74 -0.21
N ILE A 154 -2.51 -7.67 -0.93
CA ILE A 154 -1.54 -7.78 -2.03
C ILE A 154 -0.33 -6.95 -1.71
N VAL A 155 0.76 -7.23 -2.44
CA VAL A 155 1.96 -6.39 -2.39
C VAL A 155 2.14 -5.75 -3.76
N VAL A 156 2.92 -4.68 -3.80
CA VAL A 156 3.20 -3.95 -5.01
C VAL A 156 4.72 -3.86 -5.18
N TRP A 157 5.18 -4.14 -6.38
CA TRP A 157 6.60 -4.20 -6.70
C TRP A 157 6.91 -3.21 -7.80
N LEU A 158 7.99 -2.46 -7.61
CA LEU A 158 8.46 -1.55 -8.65
C LEU A 158 9.75 -2.14 -9.19
N PRO A 159 9.71 -2.87 -10.32
CA PRO A 159 10.90 -3.57 -10.79
C PRO A 159 12.02 -2.65 -11.23
N GLN A 160 11.74 -1.41 -11.60
CA GLN A 160 12.81 -0.53 -12.02
C GLN A 160 13.64 -0.04 -10.85
N TYR A 161 13.15 -0.22 -9.62
CA TYR A 161 13.82 0.24 -8.43
C TYR A 161 14.03 -0.85 -7.39
N ASN A 162 13.47 -2.05 -7.60
CA ASN A 162 13.40 -3.12 -6.60
C ASN A 162 12.90 -2.63 -5.25
N ILE A 163 11.78 -1.92 -5.30
CA ILE A 163 11.06 -1.42 -4.14
C ILE A 163 9.79 -2.24 -3.98
N LEU A 164 9.62 -2.79 -2.78
CA LEU A 164 8.43 -3.56 -2.43
C LEU A 164 7.56 -2.76 -1.46
N VAL A 165 6.28 -2.60 -1.81
CA VAL A 165 5.28 -2.08 -0.90
C VAL A 165 4.65 -3.31 -0.25
N GLY A 166 5.06 -3.60 0.97
CA GLY A 166 4.55 -4.74 1.70
C GLY A 166 3.14 -4.54 2.23
N GLY A 167 2.74 -3.30 2.45
CA GLY A 167 1.47 -3.08 3.02
C GLY A 167 1.42 -3.73 4.39
N CYS A 168 0.19 -4.03 4.81
CA CYS A 168 0.01 -4.46 6.18
C CYS A 168 0.37 -5.91 6.38
N LEU A 169 0.67 -6.64 5.29
CA LEU A 169 1.31 -7.94 5.38
C LEU A 169 2.68 -7.88 6.05
N VAL A 170 3.36 -6.75 6.00
CA VAL A 170 4.73 -6.60 6.47
C VAL A 170 4.72 -5.65 7.65
N LYS A 171 5.28 -6.10 8.78
CA LYS A 171 5.39 -5.30 9.97
C LYS A 171 6.72 -4.57 10.00
N SER A 172 6.70 -3.38 10.58
CA SER A 172 7.90 -2.59 10.73
C SER A 172 8.72 -3.09 11.94
N THR A 173 9.96 -2.64 11.99
CA THR A 173 10.84 -3.02 13.10
C THR A 173 10.23 -2.63 14.45
N SER A 174 9.53 -1.50 14.50
CA SER A 174 8.97 -1.03 15.76
C SER A 174 7.76 -1.85 16.20
N ALA A 175 7.13 -2.57 15.29
CA ALA A 175 6.04 -3.46 15.66
C ALA A 175 6.60 -4.64 16.44
N LYS A 176 6.12 -4.82 17.66
CA LYS A 176 6.54 -5.95 18.51
C LYS A 176 5.50 -7.06 18.56
N ASP A 177 4.42 -6.95 17.82
CA ASP A 177 3.43 -8.00 17.69
C ASP A 177 2.70 -7.81 16.36
N LEU A 178 1.74 -8.69 16.08
CA LEU A 178 1.11 -8.64 14.76
C LEU A 178 0.00 -7.62 14.66
N GLY A 179 -0.37 -6.95 15.75
CA GLY A 179 -1.47 -6.00 15.69
C GLY A 179 -2.81 -6.72 15.73
N ASN A 180 -3.82 -6.08 15.15
CA ASN A 180 -5.16 -6.67 15.16
C ASN A 180 -5.21 -7.81 14.16
N VAL A 181 -5.49 -9.01 14.64
CA VAL A 181 -5.49 -10.22 13.82
C VAL A 181 -6.91 -10.73 13.59
N ALA A 182 -7.91 -9.90 13.84
CA ALA A 182 -9.30 -10.33 13.70
C ALA A 182 -9.58 -10.84 12.29
N ASP A 183 -8.99 -10.20 11.29
CA ASP A 183 -9.20 -10.61 9.92
C ASP A 183 -8.03 -11.39 9.35
N ALA A 184 -7.11 -11.88 10.18
CA ALA A 184 -5.86 -12.43 9.72
C ALA A 184 -5.91 -13.95 9.68
N TYR A 185 -4.91 -14.50 8.99
CA TYR A 185 -4.75 -15.94 8.79
C TYR A 185 -3.33 -16.27 9.22
N VAL A 186 -3.13 -16.49 10.52
CA VAL A 186 -1.77 -16.50 11.04
C VAL A 186 -1.01 -17.77 10.66
N ASN A 187 -1.70 -18.83 10.25
CA ASN A 187 -1.05 -20.04 9.78
CA ASN A 187 -1.05 -20.04 9.78
C ASN A 187 -0.67 -19.99 8.31
N GLU A 188 -1.27 -19.08 7.53
N GLU A 188 -1.29 -19.10 7.52
CA GLU A 188 -0.93 -18.90 6.13
CA GLU A 188 -0.92 -18.89 6.13
C GLU A 188 -0.03 -17.69 5.92
C GLU A 188 0.05 -17.74 5.95
N TRP A 189 0.03 -16.80 6.90
CA TRP A 189 0.78 -15.55 6.73
C TRP A 189 2.26 -15.82 6.49
N SER A 190 2.84 -16.82 7.18
CA SER A 190 4.25 -17.10 6.95
CA SER A 190 4.25 -17.11 6.96
C SER A 190 4.50 -17.60 5.54
N THR A 191 3.63 -18.48 5.04
CA THR A 191 3.79 -18.97 3.67
C THR A 191 3.65 -17.82 2.68
N SER A 192 2.73 -16.89 2.95
CA SER A 192 2.52 -15.75 2.06
C SER A 192 3.77 -14.88 2.02
N ILE A 193 4.40 -14.65 3.18
CA ILE A 193 5.66 -13.92 3.21
CA ILE A 193 5.67 -13.91 3.19
C ILE A 193 6.75 -14.66 2.43
N GLU A 194 6.84 -15.99 2.64
CA GLU A 194 7.83 -16.75 1.90
C GLU A 194 7.58 -16.66 0.40
N ASN A 195 6.32 -16.59 -0.01
CA ASN A 195 6.02 -16.41 -1.44
C ASN A 195 6.56 -15.08 -1.95
N VAL A 196 6.49 -14.03 -1.13
CA VAL A 196 7.09 -12.74 -1.51
C VAL A 196 8.59 -12.85 -1.61
N LEU A 197 9.22 -13.49 -0.61
CA LEU A 197 10.67 -13.64 -0.62
C LEU A 197 11.16 -14.47 -1.79
N LYS A 198 10.35 -15.44 -2.23
CA LYS A 198 10.75 -16.27 -3.37
C LYS A 198 10.60 -15.50 -4.68
N ARG A 199 9.58 -14.65 -4.79
CA ARG A 199 9.37 -13.95 -6.04
C ARG A 199 10.34 -12.80 -6.21
N TYR A 200 10.68 -12.11 -5.13
CA TYR A 200 11.53 -10.92 -5.17
C TYR A 200 12.78 -11.20 -4.35
N ARG A 201 13.82 -11.72 -5.02
CA ARG A 201 15.03 -12.18 -4.34
C ARG A 201 16.05 -11.10 -4.08
N ASN A 202 15.89 -9.90 -4.66
CA ASN A 202 16.87 -8.83 -4.46
C ASN A 202 16.03 -7.58 -4.24
N ILE A 203 15.87 -7.17 -2.98
CA ILE A 203 15.00 -6.06 -2.61
C ILE A 203 15.81 -4.89 -2.08
N ASN A 204 15.57 -3.69 -2.61
CA ASN A 204 16.27 -2.50 -2.15
C ASN A 204 15.59 -1.80 -0.97
N ALA A 205 14.26 -1.73 -0.97
CA ALA A 205 13.54 -1.12 0.14
C ALA A 205 12.20 -1.82 0.25
N VAL A 206 11.72 -1.94 1.50
CA VAL A 206 10.40 -2.52 1.79
C VAL A 206 9.63 -1.49 2.57
N VAL A 207 8.47 -1.09 2.04
CA VAL A 207 7.62 -0.13 2.73
C VAL A 207 6.55 -0.93 3.49
N PRO A 208 6.55 -0.91 4.82
CA PRO A 208 5.47 -1.58 5.54
C PRO A 208 4.22 -0.70 5.59
N GLY A 209 3.10 -1.33 5.96
CA GLY A 209 1.86 -0.60 6.04
C GLY A 209 1.88 0.50 7.09
N HIS A 210 2.63 0.30 8.17
CA HIS A 210 2.77 1.25 9.26
C HIS A 210 4.22 1.19 9.73
N GLY A 211 4.85 2.33 9.93
CA GLY A 211 6.18 2.42 10.50
C GLY A 211 7.24 2.76 9.46
N GLU A 212 8.49 2.62 9.86
CA GLU A 212 9.62 3.11 9.06
C GLU A 212 9.92 2.20 7.90
N VAL A 213 10.35 2.78 6.78
CA VAL A 213 10.81 1.97 5.66
C VAL A 213 12.03 1.15 6.06
N GLY A 214 12.10 -0.08 5.55
CA GLY A 214 13.24 -0.93 5.82
C GLY A 214 13.67 -1.70 4.59
N ASP A 215 14.17 -2.91 4.78
CA ASP A 215 14.60 -3.75 3.68
C ASP A 215 14.04 -5.15 3.91
N LYS A 216 14.67 -6.15 3.30
CA LYS A 216 14.16 -7.50 3.40
C LYS A 216 14.03 -7.93 4.85
N GLY A 217 14.83 -7.31 5.73
CA GLY A 217 14.73 -7.62 7.15
C GLY A 217 13.34 -7.46 7.75
N LEU A 218 12.50 -6.59 7.16
CA LEU A 218 11.14 -6.48 7.69
C LEU A 218 10.33 -7.72 7.38
N LEU A 219 10.61 -8.39 6.27
N LEU A 219 10.62 -8.41 6.28
CA LEU A 219 9.93 -9.64 5.97
CA LEU A 219 9.91 -9.65 5.99
C LEU A 219 10.34 -10.71 6.97
C LEU A 219 10.34 -10.73 6.95
N LEU A 220 11.63 -10.77 7.27
CA LEU A 220 12.14 -11.73 8.28
C LEU A 220 11.62 -11.38 9.67
N HIS A 221 11.46 -10.09 9.97
CA HIS A 221 10.87 -9.69 11.25
C HIS A 221 9.44 -10.17 11.37
N THR A 222 8.67 -10.05 10.29
CA THR A 222 7.29 -10.52 10.31
C THR A 222 7.24 -12.02 10.53
N LEU A 223 8.09 -12.77 9.84
CA LEU A 223 8.19 -14.21 10.11
C LEU A 223 8.43 -14.49 11.58
N ASP A 224 9.33 -13.73 12.23
CA ASP A 224 9.61 -14.00 13.65
C ASP A 224 8.41 -13.69 14.52
N LEU A 225 7.63 -12.66 14.17
CA LEU A 225 6.45 -12.34 14.96
C LEU A 225 5.35 -13.37 14.79
N LEU A 226 5.39 -14.15 13.73
CA LEU A 226 4.43 -15.20 13.51
C LEU A 226 4.76 -16.48 14.26
N LYS A 227 5.94 -16.58 14.87
CA LYS A 227 6.27 -17.79 15.59
C LYS A 227 5.68 -17.77 16.99
#